data_7H6C
#
_entry.id   7H6C
#
_cell.length_a   73.860
_cell.length_b   73.860
_cell.length_c   49.240
_cell.angle_alpha   90.00
_cell.angle_beta   90.00
_cell.angle_gamma   90.00
#
_symmetry.space_group_name_H-M   'P 43'
#
loop_
_entity.id
_entity.type
_entity.pdbx_description
1 polymer Chymase
2 non-polymer 'ZINC ION'
3 non-polymer '1-(2-methoxyethyl)-3-[(naphthalen-1-yl)methyl]-1H-indole-2-carboxylic acid'
4 water water
#
_entity_poly.entity_id   1
_entity_poly.type   'polypeptide(L)'
_entity_poly.pdbx_seq_one_letter_code
;IIGGTESKPHSRPYMAYLEIVTSNGPSKFCGGFLIRRNFVLTAAHCAGRSITVTLGAHNITEEEDTWQKLEVIKQFRHPK
YNTSTLHHDIMLLKLKEKASLTLAVGTLPFPSQKNFVPPGRMCRVAGWGRTGVLKPGSDTLQEVKLRLMDPQACSHFRDF
DHNLQLCVGNPRKTKSAFKGDSGGPLLCAGVAQGIVSYGRSDAKPPAVFTRISHYRPWINQILQAN
;
_entity_poly.pdbx_strand_id   A
#
loop_
_chem_comp.id
_chem_comp.type
_chem_comp.name
_chem_comp.formula
A1AO5 non-polymer '1-(2-methoxyethyl)-3-[(naphthalen-1-yl)methyl]-1H-indole-2-carboxylic acid' 'C23 H21 N O3'
ZN non-polymer 'ZINC ION' 'Zn 2'
#
# COMPACT_ATOMS: atom_id res chain seq x y z
N ILE A 1 1.29 10.80 2.86
CA ILE A 1 2.76 10.95 2.61
C ILE A 1 3.22 12.25 3.23
N ILE A 2 4.26 12.16 4.08
CA ILE A 2 4.85 13.30 4.73
C ILE A 2 6.17 13.63 4.03
N GLY A 3 6.30 14.89 3.64
CA GLY A 3 7.55 15.43 3.13
C GLY A 3 7.83 14.97 1.70
N GLY A 4 6.77 14.64 0.95
CA GLY A 4 6.91 14.14 -0.39
C GLY A 4 6.58 15.19 -1.44
N THR A 5 6.41 14.73 -2.67
CA THR A 5 6.09 15.59 -3.80
C THR A 5 4.79 15.09 -4.40
N GLU A 6 4.12 15.97 -5.14
CA GLU A 6 2.96 15.53 -5.91
C GLU A 6 3.42 14.64 -7.06
N SER A 7 2.81 13.44 -7.20
CA SER A 7 3.11 12.56 -8.31
C SER A 7 2.72 13.24 -9.62
N LYS A 8 3.50 13.00 -10.67
CA LYS A 8 3.02 13.38 -11.98
C LYS A 8 1.71 12.63 -12.22
N PRO A 9 0.63 13.30 -12.66
CA PRO A 9 -0.66 12.62 -12.75
C PRO A 9 -0.58 11.39 -13.63
N HIS A 10 -1.11 10.27 -13.12
CA HIS A 10 -1.24 9.02 -13.85
C HIS A 10 0.09 8.30 -14.08
N SER A 11 1.15 8.77 -13.43
CA SER A 11 2.48 8.20 -13.60
C SER A 11 2.67 6.87 -12.86
N ARG A 12 1.74 6.54 -11.95
CA ARG A 12 1.76 5.27 -11.25
C ARG A 12 0.43 4.57 -11.52
N PRO A 13 0.25 4.04 -12.73
CA PRO A 13 -1.10 3.64 -13.18
C PRO A 13 -1.72 2.44 -12.47
N TYR A 14 -0.91 1.75 -11.67
CA TYR A 14 -1.34 0.62 -10.84
C TYR A 14 -1.91 1.08 -9.49
N MET A 15 -1.84 2.37 -9.14
CA MET A 15 -2.27 2.78 -7.81
C MET A 15 -3.78 2.68 -7.69
N ALA A 16 -4.23 2.19 -6.53
CA ALA A 16 -5.63 2.05 -6.21
C ALA A 16 -5.95 2.87 -4.98
N TYR A 17 -7.07 3.59 -5.06
CA TYR A 17 -7.64 4.31 -3.93
C TYR A 17 -8.80 3.49 -3.39
N LEU A 18 -8.71 3.07 -2.13
CA LEU A 18 -9.71 2.20 -1.54
C LEU A 18 -10.57 2.99 -0.56
N GLU A 19 -11.89 2.86 -0.72
CA GLU A 19 -12.85 3.36 0.26
C GLU A 19 -13.47 2.16 0.96
N ILE A 20 -13.32 2.13 2.29
CA ILE A 20 -13.63 0.97 3.09
C ILE A 20 -14.80 1.28 4.01
N VAL A 21 -15.83 0.46 3.90
CA VAL A 21 -17.05 0.61 4.68
C VAL A 21 -16.97 -0.32 5.87
N THR A 22 -17.38 0.21 7.03
CA THR A 22 -17.61 -0.57 8.23
C THR A 22 -19.05 -0.31 8.70
N SER A 23 -19.58 -1.20 9.54
CA SER A 23 -20.98 -1.15 9.92
C SER A 23 -21.26 -0.03 10.93
N ASN A 24 -20.22 0.33 11.72
CA ASN A 24 -20.37 1.16 12.91
C ASN A 24 -19.49 2.41 12.86
N GLY A 25 -19.06 2.85 11.68
CA GLY A 25 -18.36 4.11 11.59
C GLY A 25 -18.38 4.60 10.15
N PRO A 26 -17.95 5.85 9.88
CA PRO A 26 -17.91 6.30 8.49
C PRO A 26 -16.80 5.60 7.71
N SER A 27 -16.76 5.91 6.41
CA SER A 27 -15.75 5.41 5.51
C SER A 27 -14.35 5.68 6.03
N LYS A 28 -13.46 4.73 5.75
CA LYS A 28 -12.02 4.86 5.94
C LYS A 28 -11.38 4.67 4.56
N PHE A 29 -10.10 5.07 4.44
CA PHE A 29 -9.44 5.03 3.13
C PHE A 29 -8.06 4.40 3.25
N CYS A 30 -7.66 3.74 2.18
CA CYS A 30 -6.34 3.13 2.07
C CYS A 30 -5.85 3.28 0.64
N GLY A 31 -4.58 2.99 0.45
CA GLY A 31 -4.05 2.73 -0.87
C GLY A 31 -4.02 1.23 -1.13
N GLY A 32 -3.55 0.89 -2.33
CA GLY A 32 -3.39 -0.46 -2.80
C GLY A 32 -2.80 -0.39 -4.20
N PHE A 33 -2.56 -1.55 -4.82
CA PHE A 33 -2.01 -1.56 -6.17
C PHE A 33 -2.54 -2.74 -6.97
N LEU A 34 -2.81 -2.48 -8.26
CA LEU A 34 -3.36 -3.46 -9.16
C LEU A 34 -2.29 -4.42 -9.65
N ILE A 35 -2.36 -5.69 -9.29
CA ILE A 35 -1.33 -6.65 -9.69
C ILE A 35 -1.84 -7.57 -10.81
N ARG A 36 -3.17 -7.70 -10.94
CA ARG A 36 -3.85 -8.33 -12.06
C ARG A 36 -5.04 -7.47 -12.43
N ARG A 37 -5.60 -7.65 -13.63
CA ARG A 37 -6.71 -6.80 -13.99
C ARG A 37 -7.85 -6.90 -12.98
N ASN A 38 -7.99 -8.03 -12.25
CA ASN A 38 -9.06 -8.13 -11.26
C ASN A 38 -8.53 -8.39 -9.85
N PHE A 39 -7.27 -8.02 -9.55
CA PHE A 39 -6.77 -8.15 -8.19
C PHE A 39 -5.95 -6.95 -7.76
N VAL A 40 -6.29 -6.45 -6.56
CA VAL A 40 -5.58 -5.36 -5.90
C VAL A 40 -4.94 -5.90 -4.64
N LEU A 41 -3.67 -5.59 -4.46
CA LEU A 41 -2.95 -5.91 -3.23
C LEU A 41 -2.97 -4.70 -2.30
N THR A 42 -3.14 -4.98 -1.00
CA THR A 42 -3.20 -3.93 0.00
C THR A 42 -2.85 -4.55 1.35
N ALA A 43 -3.14 -3.79 2.41
CA ALA A 43 -2.89 -4.23 3.79
C ALA A 43 -4.16 -4.87 4.36
N ALA A 44 -3.95 -5.93 5.18
CA ALA A 44 -5.06 -6.56 5.89
C ALA A 44 -5.85 -5.62 6.79
N HIS A 45 -5.18 -4.65 7.43
CA HIS A 45 -5.86 -3.74 8.34
C HIS A 45 -6.80 -2.80 7.58
N CYS A 46 -6.76 -2.82 6.25
CA CYS A 46 -7.72 -2.11 5.41
C CYS A 46 -9.01 -2.89 5.15
N ALA A 47 -9.16 -4.08 5.72
CA ALA A 47 -10.37 -4.86 5.50
C ALA A 47 -11.57 -4.13 6.09
N GLY A 48 -12.74 -4.43 5.54
CA GLY A 48 -13.97 -3.89 6.06
C GLY A 48 -15.13 -4.74 5.57
N ARG A 49 -16.33 -4.21 5.80
CA ARG A 49 -17.54 -4.92 5.39
C ARG A 49 -17.62 -4.95 3.87
N SER A 50 -17.25 -3.83 3.24
CA SER A 50 -17.15 -3.77 1.79
C SER A 50 -16.16 -2.68 1.40
N ILE A 51 -15.62 -2.83 0.19
CA ILE A 51 -14.61 -1.95 -0.32
C ILE A 51 -14.93 -1.58 -1.77
N THR A 52 -14.72 -0.30 -2.10
N THR A 52 -14.68 -0.32 -2.13
CA THR A 52 -14.69 0.17 -3.48
CA THR A 52 -14.68 0.09 -3.52
C THR A 52 -13.24 0.53 -3.83
C THR A 52 -13.32 0.65 -3.88
N VAL A 53 -12.88 0.31 -5.10
CA VAL A 53 -11.57 0.67 -5.59
C VAL A 53 -11.77 1.70 -6.68
N THR A 54 -10.96 2.76 -6.62
CA THR A 54 -10.93 3.71 -7.72
C THR A 54 -9.52 3.61 -8.32
N LEU A 55 -9.46 3.22 -9.60
CA LEU A 55 -8.26 3.21 -10.41
C LEU A 55 -8.27 4.45 -11.30
N GLY A 56 -7.07 4.85 -11.71
CA GLY A 56 -6.92 5.95 -12.67
C GLY A 56 -6.98 7.33 -12.05
N ALA A 57 -6.89 7.42 -10.72
CA ALA A 57 -7.05 8.70 -10.05
C ALA A 57 -5.74 9.43 -9.90
N HIS A 58 -5.84 10.77 -9.90
CA HIS A 58 -4.77 11.62 -9.41
C HIS A 58 -5.31 12.50 -8.26
N ASN A 59 -6.16 13.48 -8.60
CA ASN A 59 -6.91 14.25 -7.63
C ASN A 59 -8.20 13.48 -7.38
N ILE A 60 -8.31 12.87 -6.19
N ILE A 60 -8.32 12.85 -6.21
CA ILE A 60 -9.43 11.99 -5.90
CA ILE A 60 -9.46 11.97 -5.92
C ILE A 60 -10.72 12.77 -5.66
C ILE A 60 -10.73 12.78 -5.67
N THR A 61 -10.67 14.12 -5.67
CA THR A 61 -11.86 14.95 -5.50
C THR A 61 -12.46 15.33 -6.86
N GLU A 62 -11.71 15.10 -7.94
CA GLU A 62 -12.14 15.55 -9.26
C GLU A 62 -12.33 14.38 -10.20
N GLU A 63 -13.58 13.99 -10.40
N GLU A 63 -13.59 13.96 -10.41
CA GLU A 63 -13.95 12.95 -11.35
CA GLU A 63 -13.92 12.86 -11.30
C GLU A 63 -13.33 13.24 -12.71
C GLU A 63 -13.45 13.19 -12.72
N GLU A 64 -12.87 12.18 -13.38
CA GLU A 64 -12.38 12.35 -14.75
C GLU A 64 -12.52 11.05 -15.51
N ASP A 65 -12.31 11.09 -16.83
CA ASP A 65 -12.54 9.93 -17.67
C ASP A 65 -11.60 8.78 -17.33
N THR A 66 -10.41 9.07 -16.78
CA THR A 66 -9.49 8.01 -16.39
C THR A 66 -10.03 7.16 -15.24
N TRP A 67 -10.93 7.71 -14.41
CA TRP A 67 -11.44 6.93 -13.28
C TRP A 67 -12.10 5.63 -13.73
N GLN A 68 -11.78 4.55 -13.02
CA GLN A 68 -12.61 3.36 -13.00
C GLN A 68 -12.96 3.04 -11.55
N LYS A 69 -14.23 3.17 -11.21
CA LYS A 69 -14.73 2.80 -9.89
C LYS A 69 -15.19 1.36 -10.00
N LEU A 70 -14.55 0.48 -9.23
CA LEU A 70 -14.78 -0.94 -9.36
C LEU A 70 -15.18 -1.55 -8.03
N GLU A 71 -16.18 -2.42 -8.11
CA GLU A 71 -16.66 -3.17 -6.96
C GLU A 71 -15.67 -4.27 -6.62
N VAL A 72 -15.44 -4.49 -5.32
CA VAL A 72 -14.73 -5.66 -4.84
C VAL A 72 -15.73 -6.77 -4.51
N ILE A 73 -15.53 -7.98 -5.04
N ILE A 73 -15.54 -7.95 -5.10
CA ILE A 73 -16.50 -9.04 -4.75
CA ILE A 73 -16.44 -9.07 -4.87
C ILE A 73 -16.07 -9.88 -3.56
C ILE A 73 -16.08 -9.74 -3.54
N LYS A 74 -14.78 -9.91 -3.26
CA LYS A 74 -14.34 -10.71 -2.14
C LYS A 74 -12.99 -10.18 -1.66
N GLN A 75 -12.83 -10.22 -0.33
CA GLN A 75 -11.59 -9.84 0.34
C GLN A 75 -10.88 -11.10 0.79
N PHE A 76 -9.59 -11.19 0.48
CA PHE A 76 -8.77 -12.30 0.91
C PHE A 76 -7.72 -11.79 1.89
N ARG A 77 -8.09 -11.71 3.17
CA ARG A 77 -7.15 -11.25 4.21
C ARG A 77 -6.23 -12.40 4.55
N HIS A 78 -4.94 -12.13 4.79
CA HIS A 78 -4.02 -13.20 5.15
C HIS A 78 -4.60 -13.94 6.36
N PRO A 79 -4.68 -15.29 6.32
CA PRO A 79 -5.31 -16.04 7.41
C PRO A 79 -4.61 -15.94 8.76
N LYS A 80 -3.34 -15.55 8.77
CA LYS A 80 -2.61 -15.40 10.02
C LYS A 80 -2.46 -13.95 10.47
N TYR A 81 -3.11 -13.00 9.78
CA TYR A 81 -3.06 -11.61 10.19
C TYR A 81 -3.47 -11.49 11.65
N ASN A 82 -2.64 -10.78 12.42
CA ASN A 82 -2.77 -10.72 13.87
C ASN A 82 -2.97 -9.27 14.25
N THR A 83 -4.10 -8.93 14.87
CA THR A 83 -4.38 -7.54 15.20
C THR A 83 -3.54 -7.03 16.37
N SER A 84 -2.92 -7.94 17.14
CA SER A 84 -2.05 -7.55 18.24
C SER A 84 -0.66 -7.18 17.71
N THR A 85 0.00 -8.15 17.05
CA THR A 85 1.37 -8.02 16.58
C THR A 85 1.43 -7.25 15.26
N LEU A 86 0.34 -7.30 14.51
CA LEU A 86 0.24 -6.77 13.16
C LEU A 86 1.09 -7.54 12.15
N HIS A 87 1.52 -8.75 12.52
CA HIS A 87 2.15 -9.64 11.56
C HIS A 87 1.17 -10.01 10.43
N HIS A 88 1.72 -10.17 9.21
CA HIS A 88 1.02 -10.72 8.06
C HIS A 88 -0.05 -9.74 7.60
N ASP A 89 0.31 -8.46 7.61
CA ASP A 89 -0.60 -7.38 7.28
C ASP A 89 -0.67 -7.30 5.75
N ILE A 90 -1.41 -8.22 5.13
CA ILE A 90 -1.49 -8.25 3.68
C ILE A 90 -2.86 -8.81 3.30
N MET A 91 -3.41 -8.32 2.19
CA MET A 91 -4.72 -8.72 1.74
C MET A 91 -4.81 -8.53 0.22
N LEU A 92 -5.48 -9.49 -0.41
CA LEU A 92 -5.86 -9.37 -1.81
C LEU A 92 -7.35 -9.07 -1.94
N LEU A 93 -7.66 -8.18 -2.89
CA LEU A 93 -9.03 -7.83 -3.22
C LEU A 93 -9.31 -8.32 -4.63
N LYS A 94 -10.36 -9.13 -4.78
CA LYS A 94 -10.78 -9.53 -6.11
C LYS A 94 -11.87 -8.57 -6.55
N LEU A 95 -11.64 -7.97 -7.73
CA LEU A 95 -12.61 -7.07 -8.34
C LEU A 95 -13.68 -7.88 -9.05
N LYS A 96 -14.90 -7.36 -9.06
CA LYS A 96 -16.05 -8.00 -9.69
C LYS A 96 -15.78 -8.23 -11.18
N GLU A 97 -15.15 -7.26 -11.84
CA GLU A 97 -14.77 -7.40 -13.24
C GLU A 97 -13.33 -6.98 -13.43
N LYS A 98 -12.75 -7.38 -14.55
CA LYS A 98 -11.39 -6.95 -14.84
C LYS A 98 -11.41 -5.48 -15.20
N ALA A 99 -10.44 -4.73 -14.68
CA ALA A 99 -10.26 -3.35 -15.06
C ALA A 99 -9.91 -3.23 -16.54
N SER A 100 -10.22 -2.07 -17.09
CA SER A 100 -9.80 -1.72 -18.43
C SER A 100 -8.36 -1.24 -18.37
N LEU A 101 -7.56 -1.63 -19.35
CA LEU A 101 -6.21 -1.12 -19.50
C LEU A 101 -6.28 0.16 -20.31
N THR A 102 -5.71 1.21 -19.73
CA THR A 102 -5.61 2.52 -20.34
C THR A 102 -4.21 3.05 -20.08
N LEU A 103 -3.90 4.25 -20.59
CA LEU A 103 -2.63 4.87 -20.22
C LEU A 103 -2.56 5.06 -18.70
N ALA A 104 -3.71 5.39 -18.09
CA ALA A 104 -3.80 5.76 -16.69
C ALA A 104 -4.01 4.56 -15.76
N VAL A 105 -4.33 3.40 -16.32
CA VAL A 105 -4.60 2.22 -15.50
C VAL A 105 -3.90 1.01 -16.11
N GLY A 106 -3.05 0.38 -15.30
CA GLY A 106 -2.34 -0.83 -15.71
C GLY A 106 -1.89 -1.60 -14.48
N THR A 107 -1.50 -2.86 -14.70
CA THR A 107 -1.07 -3.72 -13.61
C THR A 107 0.42 -3.52 -13.37
N LEU A 108 0.81 -3.87 -12.14
CA LEU A 108 2.21 -4.02 -11.76
C LEU A 108 2.42 -5.48 -11.33
N PRO A 109 2.71 -6.39 -12.27
CA PRO A 109 2.97 -7.79 -11.92
C PRO A 109 4.34 -7.90 -11.25
N PHE A 110 4.48 -8.94 -10.43
CA PHE A 110 5.74 -9.22 -9.79
C PHE A 110 6.67 -9.83 -10.83
N PRO A 111 7.99 -9.52 -10.76
CA PRO A 111 8.97 -10.25 -11.57
C PRO A 111 9.06 -11.66 -11.00
N SER A 112 9.66 -12.57 -11.77
N SER A 112 9.68 -12.58 -11.75
CA SER A 112 9.89 -13.95 -11.35
CA SER A 112 9.85 -13.96 -11.31
C SER A 112 10.67 -13.99 -10.03
C SER A 112 10.68 -14.03 -10.03
N GLN A 113 11.75 -13.21 -9.96
CA GLN A 113 12.64 -13.16 -8.81
C GLN A 113 11.92 -12.62 -7.57
N LYS A 114 12.19 -13.26 -6.42
CA LYS A 114 11.60 -12.89 -5.14
C LYS A 114 12.70 -12.85 -4.09
N ASN A 115 13.80 -12.20 -4.46
CA ASN A 115 15.00 -12.15 -3.64
C ASN A 115 14.74 -11.25 -2.43
N PHE A 116 15.32 -11.63 -1.31
CA PHE A 116 15.17 -10.87 -0.08
C PHE A 116 15.91 -9.54 -0.25
N VAL A 117 15.23 -8.42 0.03
CA VAL A 117 15.82 -7.10 -0.16
C VAL A 117 16.52 -6.67 1.12
N PRO A 118 17.85 -6.47 1.09
CA PRO A 118 18.58 -6.09 2.29
C PRO A 118 18.44 -4.59 2.50
N PRO A 119 18.80 -4.10 3.71
CA PRO A 119 18.89 -2.67 3.97
C PRO A 119 19.87 -1.94 3.07
N GLY A 120 19.66 -0.62 2.90
CA GLY A 120 20.66 0.27 2.34
C GLY A 120 20.14 1.20 1.23
N ARG A 121 19.28 0.69 0.34
CA ARG A 121 18.88 1.40 -0.87
C ARG A 121 17.72 2.37 -0.61
N MET A 122 17.44 3.20 -1.63
CA MET A 122 16.29 4.11 -1.63
C MET A 122 15.15 3.46 -2.43
N CYS A 123 13.93 3.60 -1.90
CA CYS A 123 12.73 3.12 -2.56
C CYS A 123 11.69 4.23 -2.50
N ARG A 124 10.60 4.10 -3.26
CA ARG A 124 9.61 5.15 -3.31
C ARG A 124 8.25 4.58 -2.93
N VAL A 125 7.46 5.40 -2.22
CA VAL A 125 6.12 5.01 -1.83
C VAL A 125 5.18 6.14 -2.22
N ALA A 126 3.96 5.79 -2.63
CA ALA A 126 2.97 6.77 -3.06
C ALA A 126 1.67 6.55 -2.30
N GLY A 127 0.92 7.62 -2.07
CA GLY A 127 -0.38 7.51 -1.43
C GLY A 127 -1.10 8.84 -1.34
N TRP A 128 -2.38 8.72 -0.97
CA TRP A 128 -3.27 9.83 -0.74
C TRP A 128 -3.43 10.07 0.76
N GLY A 129 -2.50 9.54 1.56
CA GLY A 129 -2.61 9.60 3.00
C GLY A 129 -2.35 11.01 3.54
N ARG A 130 -2.43 11.13 4.86
CA ARG A 130 -2.19 12.39 5.54
C ARG A 130 -0.79 12.89 5.26
N THR A 131 -0.67 14.22 5.23
CA THR A 131 0.60 14.86 4.93
C THR A 131 1.24 15.39 6.21
N GLY A 132 0.64 15.06 7.36
CA GLY A 132 1.17 15.44 8.66
C GLY A 132 0.25 14.88 9.74
N VAL A 133 0.69 14.92 10.99
CA VAL A 133 -0.09 14.38 12.08
C VAL A 133 -1.44 15.11 12.12
N LEU A 134 -1.43 16.43 11.92
CA LEU A 134 -2.65 17.19 12.08
C LEU A 134 -3.26 17.56 10.73
N LYS A 135 -2.88 16.85 9.65
CA LYS A 135 -3.32 17.24 8.33
C LYS A 135 -4.15 16.11 7.71
N PRO A 136 -5.37 16.41 7.25
CA PRO A 136 -6.05 15.48 6.36
C PRO A 136 -5.31 14.78 5.22
N GLY A 137 -5.94 13.72 4.71
CA GLY A 137 -5.45 13.05 3.52
C GLY A 137 -5.34 14.00 2.34
N SER A 138 -4.31 13.80 1.53
CA SER A 138 -4.03 14.59 0.36
C SER A 138 -5.11 14.36 -0.69
N ASP A 139 -5.57 15.43 -1.32
CA ASP A 139 -6.44 15.27 -2.49
C ASP A 139 -5.70 14.66 -3.67
N THR A 140 -4.40 14.94 -3.79
CA THR A 140 -3.60 14.49 -4.92
C THR A 140 -2.69 13.35 -4.48
N LEU A 141 -2.41 12.43 -5.41
CA LEU A 141 -1.44 11.38 -5.12
C LEU A 141 -0.09 12.04 -4.84
N GLN A 142 0.54 11.63 -3.74
CA GLN A 142 1.85 12.11 -3.33
C GLN A 142 2.83 10.94 -3.30
N GLU A 143 4.13 11.26 -3.38
CA GLU A 143 5.12 10.21 -3.30
C GLU A 143 6.39 10.74 -2.65
N VAL A 144 7.16 9.81 -2.13
CA VAL A 144 8.37 10.14 -1.37
C VAL A 144 9.39 9.01 -1.51
N LYS A 145 10.67 9.41 -1.59
CA LYS A 145 11.78 8.48 -1.64
C LYS A 145 12.32 8.31 -0.22
N LEU A 146 12.41 7.05 0.22
CA LEU A 146 12.76 6.68 1.59
C LEU A 146 13.89 5.66 1.58
N ARG A 147 14.67 5.69 2.66
CA ARG A 147 15.76 4.77 2.84
C ARG A 147 15.33 3.48 3.53
N LEU A 148 15.67 2.34 2.93
N LEU A 148 15.83 2.37 3.00
CA LEU A 148 15.54 1.09 3.63
CA LEU A 148 15.62 1.06 3.59
C LEU A 148 16.57 1.11 4.75
C LEU A 148 16.62 0.81 4.72
N MET A 149 16.11 0.81 5.97
CA MET A 149 16.95 0.85 7.13
C MET A 149 17.29 -0.55 7.61
N ASP A 150 18.40 -0.65 8.33
CA ASP A 150 18.70 -1.89 9.04
C ASP A 150 17.58 -2.18 10.03
N PRO A 151 17.30 -3.46 10.32
CA PRO A 151 16.14 -3.81 11.14
C PRO A 151 16.24 -3.24 12.55
N GLN A 152 17.46 -3.02 13.05
CA GLN A 152 17.60 -2.47 14.39
C GLN A 152 16.96 -1.08 14.50
N ALA A 153 16.86 -0.35 13.37
CA ALA A 153 16.25 0.96 13.41
C ALA A 153 14.77 0.88 13.78
N CYS A 154 14.19 -0.31 13.66
CA CYS A 154 12.76 -0.50 13.92
C CYS A 154 12.55 -1.30 15.20
N SER A 155 13.59 -1.45 16.03
CA SER A 155 13.52 -2.30 17.21
C SER A 155 12.43 -1.84 18.19
N HIS A 156 12.20 -0.53 18.23
CA HIS A 156 11.26 0.05 19.18
C HIS A 156 9.83 -0.41 18.89
N PHE A 157 9.57 -0.86 17.67
CA PHE A 157 8.34 -1.58 17.38
C PHE A 157 8.55 -3.00 17.84
N ARG A 158 8.01 -3.31 19.02
CA ARG A 158 8.47 -4.51 19.70
C ARG A 158 8.05 -5.77 18.96
N ASP A 159 7.02 -5.67 18.10
CA ASP A 159 6.60 -6.82 17.29
C ASP A 159 7.14 -6.76 15.87
N PHE A 160 8.04 -5.82 15.56
CA PHE A 160 8.70 -5.83 14.26
C PHE A 160 9.49 -7.13 14.09
N ASP A 161 9.52 -7.70 12.88
CA ASP A 161 10.39 -8.82 12.57
C ASP A 161 11.02 -8.62 11.20
N HIS A 162 12.33 -8.70 11.14
CA HIS A 162 13.09 -8.43 9.92
C HIS A 162 12.74 -9.38 8.77
N ASN A 163 12.40 -10.64 9.09
N ASN A 163 12.36 -10.61 9.06
CA ASN A 163 12.04 -11.62 8.09
CA ASN A 163 12.10 -11.55 7.99
C ASN A 163 10.75 -11.19 7.39
C ASN A 163 10.68 -11.36 7.45
N LEU A 164 9.82 -10.64 8.18
CA LEU A 164 8.45 -10.41 7.73
C LEU A 164 8.24 -9.01 7.17
N GLN A 165 9.10 -8.06 7.55
CA GLN A 165 8.84 -6.64 7.37
C GLN A 165 10.09 -5.89 6.97
N LEU A 166 9.87 -4.79 6.24
CA LEU A 166 10.89 -3.81 5.95
C LEU A 166 10.77 -2.64 6.92
N CYS A 167 11.94 -2.05 7.24
CA CYS A 167 12.07 -0.88 8.08
C CYS A 167 12.40 0.31 7.18
N VAL A 168 11.51 1.31 7.10
CA VAL A 168 11.56 2.26 6.00
C VAL A 168 11.49 3.70 6.50
N GLY A 169 12.54 4.46 6.18
CA GLY A 169 12.59 5.88 6.45
C GLY A 169 13.67 6.22 7.47
N ASN A 170 14.64 7.02 7.01
CA ASN A 170 15.72 7.52 7.86
C ASN A 170 15.12 8.34 8.99
N PRO A 171 15.38 8.01 10.28
CA PRO A 171 14.86 8.80 11.38
C PRO A 171 15.29 10.26 11.45
N ARG A 172 16.36 10.61 10.72
CA ARG A 172 16.88 11.97 10.67
C ARG A 172 16.04 12.88 9.79
N LYS A 173 15.12 12.32 9.00
CA LYS A 173 14.27 13.08 8.10
C LYS A 173 12.82 12.96 8.55
N THR A 174 11.96 13.88 8.11
CA THR A 174 10.52 13.79 8.37
C THR A 174 9.83 12.91 7.33
N LYS A 175 10.46 12.70 6.17
CA LYS A 175 9.87 11.96 5.07
C LYS A 175 9.38 10.59 5.51
N SER A 176 8.12 10.25 5.17
CA SER A 176 7.54 9.02 5.67
C SER A 176 6.22 8.73 4.97
N ALA A 177 5.90 7.44 4.84
CA ALA A 177 4.51 7.06 4.67
C ALA A 177 3.79 7.34 5.99
N PHE A 178 2.47 7.58 5.92
CA PHE A 178 1.71 7.80 7.13
C PHE A 178 0.27 7.27 6.97
N LYS A 179 -0.55 7.57 7.98
CA LYS A 179 -1.95 7.20 7.98
C LYS A 179 -2.59 7.55 6.65
N GLY A 180 -3.38 6.60 6.14
CA GLY A 180 -4.03 6.74 4.85
C GLY A 180 -3.17 6.24 3.69
N ASP A 181 -1.87 6.07 3.89
CA ASP A 181 -1.01 5.47 2.88
C ASP A 181 -1.01 3.95 3.00
N SER A 182 -1.55 3.43 4.12
CA SER A 182 -1.82 2.02 4.34
C SER A 182 -2.12 1.27 3.05
N GLY A 183 -1.43 0.16 2.79
CA GLY A 183 -1.74 -0.72 1.68
C GLY A 183 -1.05 -0.35 0.36
N GLY A 184 -0.44 0.84 0.30
CA GLY A 184 0.28 1.27 -0.87
C GLY A 184 1.62 0.55 -1.03
N PRO A 185 2.12 0.47 -2.27
CA PRO A 185 3.38 -0.22 -2.58
C PRO A 185 4.59 0.65 -2.31
N LEU A 186 5.64 -0.01 -1.82
CA LEU A 186 6.97 0.54 -1.79
C LEU A 186 7.71 -0.05 -2.98
N LEU A 187 8.16 0.79 -3.92
CA LEU A 187 8.83 0.28 -5.10
C LEU A 187 10.31 0.56 -4.99
N CYS A 188 11.10 -0.48 -5.25
CA CYS A 188 12.55 -0.35 -5.26
C CYS A 188 13.01 -0.66 -6.67
N ALA A 189 13.54 0.35 -7.36
CA ALA A 189 13.90 0.24 -8.78
C ALA A 189 12.73 -0.33 -9.59
N GLY A 190 11.53 0.17 -9.33
CA GLY A 190 10.37 -0.15 -10.15
C GLY A 190 9.65 -1.44 -9.75
N VAL A 191 10.13 -2.13 -8.71
CA VAL A 191 9.59 -3.41 -8.30
C VAL A 191 8.97 -3.25 -6.91
N ALA A 192 7.72 -3.73 -6.75
CA ALA A 192 7.06 -3.65 -5.46
C ALA A 192 7.74 -4.61 -4.48
N GLN A 193 8.26 -4.05 -3.38
CA GLN A 193 8.95 -4.86 -2.38
C GLN A 193 8.27 -4.75 -1.02
N GLY A 194 7.48 -3.69 -0.79
CA GLY A 194 6.85 -3.50 0.49
C GLY A 194 5.40 -3.06 0.36
N ILE A 195 4.65 -3.18 1.47
CA ILE A 195 3.31 -2.63 1.56
C ILE A 195 3.25 -1.79 2.83
N VAL A 196 2.76 -0.55 2.72
CA VAL A 196 2.65 0.29 3.90
C VAL A 196 1.82 -0.43 4.97
N SER A 197 2.38 -0.57 6.19
CA SER A 197 1.66 -1.25 7.27
C SER A 197 1.38 -0.34 8.46
N TYR A 198 2.40 0.05 9.23
CA TYR A 198 2.11 0.87 10.39
C TYR A 198 3.35 1.64 10.81
N GLY A 199 3.19 2.51 11.81
CA GLY A 199 4.31 3.28 12.34
C GLY A 199 3.90 3.97 13.64
N ARG A 200 4.59 5.07 13.95
CA ARG A 200 4.28 5.83 15.14
C ARG A 200 3.13 6.80 14.89
N SER A 201 2.28 7.00 15.91
N SER A 201 2.29 7.01 15.90
CA SER A 201 1.23 7.98 15.87
CA SER A 201 1.21 7.98 15.80
C SER A 201 1.77 9.39 15.58
C SER A 201 1.75 9.40 15.61
N ASP A 202 2.99 9.66 16.06
CA ASP A 202 3.58 11.00 15.88
C ASP A 202 4.34 11.13 14.56
N ALA A 203 4.32 10.09 13.72
CA ALA A 203 4.84 10.13 12.35
C ALA A 203 6.36 10.15 12.27
N LYS A 204 7.07 9.92 13.38
CA LYS A 204 8.53 9.91 13.32
C LYS A 204 8.97 8.61 12.64
N PRO A 205 9.71 8.70 11.54
CA PRO A 205 10.12 7.48 10.86
C PRO A 205 11.21 6.79 11.69
N PRO A 206 11.55 5.52 11.42
CA PRO A 206 11.00 4.72 10.32
C PRO A 206 9.59 4.19 10.55
N ALA A 207 8.94 3.79 9.46
CA ALA A 207 7.71 3.01 9.54
C ALA A 207 7.93 1.58 9.07
N VAL A 208 6.93 0.73 9.31
CA VAL A 208 7.00 -0.68 9.07
C VAL A 208 6.16 -1.02 7.84
N PHE A 209 6.78 -1.76 6.91
CA PHE A 209 6.11 -2.23 5.73
C PHE A 209 6.15 -3.75 5.71
N THR A 210 5.07 -4.36 5.19
CA THR A 210 5.07 -5.79 4.92
C THR A 210 6.12 -6.11 3.87
N ARG A 211 6.95 -7.13 4.12
CA ARG A 211 7.96 -7.54 3.16
C ARG A 211 7.33 -8.50 2.15
N ILE A 212 7.13 -8.04 0.91
CA ILE A 212 6.35 -8.79 -0.05
C ILE A 212 7.00 -10.15 -0.35
N SER A 213 8.34 -10.21 -0.40
CA SER A 213 9.01 -11.44 -0.81
C SER A 213 8.53 -12.63 0.02
N HIS A 214 8.29 -12.38 1.31
CA HIS A 214 7.89 -13.42 2.24
C HIS A 214 6.53 -14.00 1.90
N TYR A 215 5.65 -13.18 1.27
CA TYR A 215 4.26 -13.55 1.03
C TYR A 215 4.02 -13.96 -0.42
N ARG A 216 5.07 -14.02 -1.22
CA ARG A 216 4.94 -14.34 -2.63
C ARG A 216 4.24 -15.68 -2.79
N PRO A 217 4.59 -16.74 -2.01
CA PRO A 217 3.84 -18.00 -2.11
C PRO A 217 2.34 -17.89 -1.87
N TRP A 218 1.97 -17.16 -0.81
CA TRP A 218 0.56 -16.95 -0.47
C TRP A 218 -0.16 -16.19 -1.57
N ILE A 219 0.47 -15.12 -2.08
CA ILE A 219 -0.08 -14.31 -3.16
C ILE A 219 -0.36 -15.21 -4.35
N ASN A 220 0.62 -16.04 -4.72
CA ASN A 220 0.47 -16.91 -5.87
C ASN A 220 -0.69 -17.89 -5.64
N GLN A 221 -0.80 -18.42 -4.42
CA GLN A 221 -1.82 -19.39 -4.06
C GLN A 221 -3.23 -18.81 -4.26
N ILE A 222 -3.43 -17.59 -3.76
CA ILE A 222 -4.73 -16.94 -3.91
C ILE A 222 -5.03 -16.70 -5.39
N LEU A 223 -4.07 -16.16 -6.14
CA LEU A 223 -4.28 -15.79 -7.53
C LEU A 223 -4.59 -17.04 -8.36
N GLN A 224 -3.83 -18.12 -8.16
CA GLN A 224 -4.00 -19.33 -8.96
C GLN A 224 -5.35 -19.97 -8.69
N ALA A 225 -5.88 -19.81 -7.46
CA ALA A 225 -7.11 -20.47 -7.03
C ALA A 225 -8.36 -19.65 -7.32
N ASN A 226 -8.20 -18.39 -7.75
CA ASN A 226 -9.35 -17.49 -7.86
C ASN A 226 -9.31 -16.80 -9.22
ZN ZN B . -6.23 12.87 -15.50
C4 A1AO5 C . -4.68 -0.61 12.23
C5 A1AO5 C . -4.35 0.62 11.66
C6 A1AO5 C . -3.09 0.85 11.06
C7 A1AO5 C . -3.09 2.18 10.57
C8 A1AO5 C . -4.31 2.73 10.90
C10 A1AO5 C . -1.94 2.87 9.87
C15 A1AO5 C . -1.25 3.97 12.02
C17 A1AO5 C . 0.78 5.18 12.32
C20 A1AO5 C . 2.37 5.36 10.44
C21 A1AO5 C . 2.73 5.04 9.16
C22 A1AO5 C . 1.87 4.33 8.35
C24 A1AO5 C . -6.46 1.90 12.06
C1 A1AO5 C . -3.76 -1.63 12.15
C2 A1AO5 C . -2.52 -1.43 11.56
C3 A1AO5 C . -2.18 -0.21 11.01
N9 A1AO5 C . -5.07 1.78 11.60
C11 A1AO5 C . -0.98 3.70 10.71
C12 A1AO5 C . -4.68 4.15 10.69
O13 A1AO5 C . -5.17 4.68 11.85
O14 A1AO5 C . -4.49 4.84 9.67
C16 A1AO5 C . -0.39 4.72 12.82
C18 A1AO5 C . 0.27 4.14 10.16
C19 A1AO5 C . 1.15 4.91 10.98
C23 A1AO5 C . 0.67 3.87 8.83
C25 A1AO5 C . -7.41 1.53 10.90
O26 A1AO5 C . -7.08 2.31 9.75
C27 A1AO5 C . -7.29 1.71 8.45
#